data_8ABS
#
_entry.id   8ABS
#
_cell.length_a   78.030
_cell.length_b   78.030
_cell.length_c   187.857
_cell.angle_alpha   90.000
_cell.angle_beta   90.000
_cell.angle_gamma   90.000
#
_symmetry.space_group_name_H-M   'P 43 21 2'
#
loop_
_entity.id
_entity.type
_entity.pdbx_description
1 polymer 'Cytochrome P450'
2 non-polymer 'HEME B/C'
3 non-polymer '(4~{S},6~{S})-4,6-dimethyloctanoic acid'
4 non-polymer TESTOSTERONE
5 non-polymer 'SULFATE ION'
6 water water
#
_entity_poly.entity_id   1
_entity_poly.type   'polypeptide(L)'
_entity_poly.pdbx_seq_one_letter_code
;MNPKAVKRENRYANLIPMQEIKSVEQQLYPFDIYNSLRQEAPIRYDESRNCWDVFDYETVKYILKNPSLFSSKRAMEERQ
ESILMMDPPKHTKLRNLVNKAFTPRAIQHLEGHIEEIADYLLDEVSSKEKFDIVEDFAGPLPIIVIAELLGVPIQDRALF
KKYSDDLVSGAENNSDEAFAKMMQKRNEGVIFLQGYFKEIIAERQQNKQEDLISLLLEAEIDGEHLTEEEVLGFCILLLV
AGNETTTNLITNGVRYMTEDVDVQNEVRRDISLVPNLVEETLRYYPPIQAIGRIAAEDVELGECKIKRGQQVISWAASAN
RDSAKFEWPDTFVVHRKTNPHVSFGFGIHFCLGAPLARMEGKIAFTKLLEKGGFSKVQNQSLKPIDSPFVFGVKKYEIAF
NNAHHHHHH
;
_entity_poly.pdbx_strand_id   A
#
# COMPACT_ATOMS: atom_id res chain seq x y z
N ARG A 8 12.14 -4.53 21.85
CA ARG A 8 13.56 -4.36 22.13
C ARG A 8 14.04 -2.91 22.02
N GLU A 9 13.11 -1.98 21.84
CA GLU A 9 13.33 -0.54 21.74
C GLU A 9 14.09 -0.12 20.49
N ASN A 10 14.54 -1.06 19.66
CA ASN A 10 14.89 -0.78 18.27
C ASN A 10 13.67 -0.84 17.36
N ARG A 11 12.52 -0.48 17.88
CA ARG A 11 11.25 -0.77 17.22
C ARG A 11 11.06 0.10 15.99
N TYR A 12 10.56 -0.51 14.92
CA TYR A 12 10.28 0.19 13.67
C TYR A 12 9.23 1.28 13.90
N ALA A 13 9.64 2.53 13.79
CA ALA A 13 8.75 3.64 14.12
C ALA A 13 7.56 3.74 13.18
N ASN A 14 7.63 3.16 11.99
CA ASN A 14 6.50 3.25 11.08
C ASN A 14 5.32 2.43 11.57
N LEU A 15 5.54 1.56 12.56
CA LEU A 15 4.48 0.74 13.13
C LEU A 15 3.87 1.37 14.37
N ILE A 16 4.44 2.47 14.86
CA ILE A 16 4.04 3.08 16.13
C ILE A 16 3.34 4.40 15.80
N PRO A 17 2.11 4.61 16.26
CA PRO A 17 1.41 5.86 15.92
C PRO A 17 2.03 7.06 16.61
N MET A 18 2.07 8.17 15.86
CA MET A 18 2.43 9.46 16.43
C MET A 18 1.46 9.85 17.52
N GLN A 19 1.96 10.54 18.54
CA GLN A 19 1.08 10.99 19.62
C GLN A 19 0.11 12.05 19.15
N GLU A 20 0.42 12.77 18.07
CA GLU A 20 -0.51 13.77 17.57
C GLU A 20 -1.80 13.14 17.06
N ILE A 21 -1.76 11.89 16.66
CA ILE A 21 -2.95 11.20 16.15
C ILE A 21 -3.51 10.39 17.31
N LYS A 22 -4.65 10.83 17.84
CA LYS A 22 -5.21 10.26 19.06
C LYS A 22 -6.56 9.62 18.79
N SER A 23 -7.57 10.40 18.46
CA SER A 23 -8.93 9.89 18.38
C SER A 23 -9.14 9.09 17.10
N VAL A 24 -10.26 8.35 17.07
CA VAL A 24 -10.62 7.59 15.88
C VAL A 24 -10.91 8.52 14.71
N GLU A 25 -11.59 9.64 14.98
CA GLU A 25 -11.84 10.62 13.91
C GLU A 25 -10.53 11.13 13.31
N GLN A 26 -9.51 11.31 14.15
CA GLN A 26 -8.23 11.76 13.62
C GLN A 26 -7.57 10.68 12.78
N GLN A 27 -7.70 9.41 13.19
CA GLN A 27 -7.18 8.30 12.40
C GLN A 27 -7.88 8.20 11.05
N LEU A 28 -9.17 8.55 11.01
CA LEU A 28 -9.95 8.47 9.78
C LEU A 28 -9.68 9.65 8.85
N TYR A 29 -9.11 10.74 9.37
CA TYR A 29 -8.73 11.90 8.55
C TYR A 29 -7.59 12.61 9.27
N PRO A 30 -6.36 12.11 9.15
CA PRO A 30 -5.23 12.72 9.85
C PRO A 30 -4.58 13.88 9.12
N PHE A 31 -5.07 14.24 7.93
CA PHE A 31 -4.29 15.10 7.03
C PHE A 31 -4.20 16.53 7.53
N ASP A 32 -5.25 17.05 8.19
CA ASP A 32 -5.17 18.37 8.80
C ASP A 32 -4.04 18.42 9.83
N ILE A 33 -3.85 17.33 10.57
CA ILE A 33 -2.79 17.28 11.57
C ILE A 33 -1.42 17.22 10.91
N TYR A 34 -1.27 16.37 9.88
CA TYR A 34 0.00 16.35 9.16
C TYR A 34 0.29 17.73 8.58
N ASN A 35 -0.72 18.39 8.02
CA ASN A 35 -0.50 19.71 7.45
C ASN A 35 -0.01 20.68 8.52
N SER A 36 -0.61 20.66 9.71
CA SER A 36 -0.15 21.52 10.79
C SER A 36 1.29 21.19 11.18
N LEU A 37 1.60 19.90 11.32
CA LEU A 37 2.96 19.49 11.64
C LEU A 37 3.95 19.94 10.58
N ARG A 38 3.58 19.81 9.29
CA ARG A 38 4.49 20.22 8.23
C ARG A 38 4.81 21.70 8.33
N GLN A 39 3.82 22.52 8.68
CA GLN A 39 4.05 23.94 8.82
C GLN A 39 4.80 24.30 10.09
N GLU A 40 4.57 23.56 11.17
CA GLU A 40 5.28 23.84 12.41
C GLU A 40 6.75 23.49 12.28
N ALA A 41 7.06 22.36 11.64
CA ALA A 41 8.43 21.91 11.48
C ALA A 41 8.45 20.75 10.50
N PRO A 42 8.85 20.98 9.25
CA PRO A 42 8.75 19.92 8.23
C PRO A 42 9.63 18.71 8.52
N ILE A 43 10.69 18.87 9.32
CA ILE A 43 11.48 17.75 9.82
C ILE A 43 11.55 17.89 11.33
N ARG A 44 11.22 16.82 12.05
CA ARG A 44 11.25 16.84 13.51
C ARG A 44 11.65 15.46 13.99
N TYR A 45 12.28 15.42 15.17
CA TYR A 45 12.61 14.16 15.83
C TYR A 45 11.57 13.88 16.91
N ASP A 46 10.87 12.76 16.76
CA ASP A 46 9.86 12.33 17.73
C ASP A 46 10.55 11.47 18.78
N GLU A 47 10.63 11.98 20.01
CA GLU A 47 11.26 11.25 21.09
C GLU A 47 10.48 9.99 21.44
N SER A 48 9.15 10.02 21.33
CA SER A 48 8.35 8.85 21.69
C SER A 48 8.55 7.69 20.72
N ARG A 49 9.03 7.94 19.50
CA ARG A 49 9.21 6.90 18.50
C ARG A 49 10.65 6.75 18.04
N ASN A 50 11.58 7.56 18.55
CA ASN A 50 12.99 7.48 18.22
C ASN A 50 13.20 7.50 16.70
N CYS A 51 12.61 8.50 16.06
CA CYS A 51 12.72 8.62 14.62
C CYS A 51 12.56 10.08 14.21
N TRP A 52 13.07 10.38 13.02
CA TRP A 52 12.77 11.62 12.34
C TRP A 52 11.52 11.44 11.49
N ASP A 53 10.58 12.37 11.61
CA ASP A 53 9.44 12.45 10.69
C ASP A 53 9.72 13.56 9.70
N VAL A 54 9.49 13.28 8.41
CA VAL A 54 9.69 14.23 7.33
C VAL A 54 8.36 14.46 6.65
N PHE A 55 7.95 15.73 6.54
CA PHE A 55 6.62 16.07 6.08
C PHE A 55 6.57 16.81 4.76
N ASP A 56 7.63 17.49 4.34
CA ASP A 56 7.55 18.28 3.13
C ASP A 56 7.90 17.46 1.88
N TYR A 57 7.27 17.82 0.76
CA TYR A 57 7.45 17.07 -0.48
C TYR A 57 8.92 17.03 -0.91
N GLU A 58 9.60 18.17 -0.90
CA GLU A 58 10.96 18.19 -1.46
C GLU A 58 11.89 17.28 -0.67
N THR A 59 11.78 17.27 0.67
CA THR A 59 12.68 16.42 1.44
C THR A 59 12.31 14.94 1.34
N VAL A 60 11.02 14.62 1.30
CA VAL A 60 10.61 13.24 1.12
C VAL A 60 11.14 12.70 -0.20
N LYS A 61 10.97 13.47 -1.28
CA LYS A 61 11.47 13.03 -2.58
C LYS A 61 12.98 12.86 -2.54
N TYR A 62 13.68 13.79 -1.88
CA TYR A 62 15.13 13.71 -1.77
C TYR A 62 15.55 12.44 -1.04
N ILE A 63 14.87 12.11 0.05
CA ILE A 63 15.20 10.89 0.79
C ILE A 63 15.02 9.67 -0.11
N LEU A 64 13.84 9.56 -0.74
CA LEU A 64 13.57 8.38 -1.56
C LEU A 64 14.53 8.29 -2.74
N LYS A 65 14.99 9.42 -3.27
CA LYS A 65 15.90 9.44 -4.40
C LYS A 65 17.34 9.15 -4.03
N ASN A 66 17.68 9.05 -2.74
CA ASN A 66 19.05 8.91 -2.29
C ASN A 66 19.20 7.65 -1.44
N PRO A 67 19.07 6.48 -2.07
CA PRO A 67 19.22 5.23 -1.32
C PRO A 67 20.59 5.08 -0.70
N SER A 68 21.62 5.68 -1.30
CA SER A 68 22.95 5.62 -0.72
C SER A 68 22.98 6.32 0.64
N LEU A 69 22.20 7.38 0.80
CA LEU A 69 22.11 8.08 2.08
C LEU A 69 21.03 7.51 2.99
N PHE A 70 19.97 6.97 2.43
CA PHE A 70 18.83 6.52 3.22
C PHE A 70 18.51 5.10 2.80
N SER A 71 18.95 4.16 3.64
CA SER A 71 18.85 2.74 3.35
C SER A 71 17.45 2.20 3.56
N SER A 72 17.11 1.20 2.76
CA SER A 72 15.85 0.50 2.89
C SER A 72 15.94 -0.71 3.82
N LYS A 73 17.13 -1.00 4.36
CA LYS A 73 17.37 -2.16 5.22
C LYS A 73 16.88 -1.86 6.62
N ARG A 74 15.56 -1.88 6.79
CA ARG A 74 14.91 -1.44 8.06
C ARG A 74 14.15 -2.57 8.76
N ALA A 75 14.36 -3.84 8.40
CA ALA A 75 13.72 -4.93 9.13
C ALA A 75 14.16 -4.92 10.59
N MET A 76 13.22 -5.22 11.49
CA MET A 76 13.58 -5.39 12.90
C MET A 76 14.36 -6.69 13.11
N GLU A 77 14.04 -7.73 12.34
CA GLU A 77 14.87 -8.92 12.32
C GLU A 77 16.21 -8.60 11.66
N GLU A 78 17.17 -9.51 11.83
CA GLU A 78 18.50 -9.27 11.28
C GLU A 78 18.49 -9.31 9.76
N ARG A 79 17.65 -10.15 9.16
CA ARG A 79 17.65 -10.37 7.72
C ARG A 79 16.61 -9.50 7.03
N GLN A 80 17.05 -8.76 6.01
CA GLN A 80 16.16 -8.04 5.10
C GLN A 80 15.76 -9.00 3.98
N GLU A 81 14.48 -9.34 3.91
CA GLU A 81 14.06 -10.60 3.30
C GLU A 81 13.63 -10.47 1.84
N SER A 82 12.97 -9.38 1.46
CA SER A 82 12.49 -9.14 0.11
C SER A 82 13.15 -7.88 -0.44
N ILE A 83 12.92 -7.59 -1.73
CA ILE A 83 13.53 -6.41 -2.34
C ILE A 83 13.08 -5.12 -1.68
N LEU A 84 11.92 -5.12 -1.04
CA LEU A 84 11.47 -3.92 -0.32
C LEU A 84 12.51 -3.48 0.70
N MET A 85 13.23 -4.43 1.28
CA MET A 85 14.16 -4.17 2.38
C MET A 85 15.60 -4.30 1.95
N MET A 86 15.86 -4.25 0.65
CA MET A 86 17.20 -4.42 0.11
C MET A 86 17.72 -3.12 -0.49
N ASP A 87 19.04 -2.95 -0.41
CA ASP A 87 19.73 -1.87 -1.11
C ASP A 87 20.46 -2.41 -2.32
N PRO A 88 20.79 -1.55 -3.27
CA PRO A 88 21.70 -1.97 -4.33
C PRO A 88 23.01 -2.44 -3.74
N PRO A 89 23.70 -3.37 -4.41
CA PRO A 89 23.41 -3.93 -5.73
C PRO A 89 22.41 -5.08 -5.70
N LYS A 90 22.21 -5.71 -4.54
CA LYS A 90 21.32 -6.87 -4.47
C LYS A 90 19.91 -6.50 -4.90
N HIS A 91 19.39 -5.36 -4.41
CA HIS A 91 18.08 -4.91 -4.84
C HIS A 91 17.98 -4.86 -6.36
N THR A 92 19.02 -4.36 -7.03
CA THR A 92 18.96 -4.18 -8.47
C THR A 92 18.84 -5.52 -9.17
N LYS A 93 19.63 -6.51 -8.75
CA LYS A 93 19.62 -7.80 -9.43
C LYS A 93 18.31 -8.53 -9.23
N LEU A 94 17.73 -8.48 -8.02
CA LEU A 94 16.49 -9.18 -7.78
C LEU A 94 15.32 -8.48 -8.45
N ARG A 95 15.27 -7.14 -8.39
CA ARG A 95 14.16 -6.45 -9.04
C ARG A 95 14.22 -6.65 -10.56
N ASN A 96 15.42 -6.71 -11.15
CA ASN A 96 15.53 -6.92 -12.59
C ASN A 96 14.99 -8.29 -13.02
N LEU A 97 14.84 -9.24 -12.08
CA LEU A 97 14.20 -10.50 -12.41
C LEU A 97 12.74 -10.31 -12.78
N VAL A 98 12.08 -9.34 -12.16
CA VAL A 98 10.62 -9.25 -12.22
C VAL A 98 10.14 -7.97 -12.89
N ASN A 99 11.01 -6.98 -13.09
CA ASN A 99 10.51 -5.68 -13.51
C ASN A 99 9.75 -5.76 -14.84
N LYS A 100 10.12 -6.67 -15.74
CA LYS A 100 9.40 -6.72 -17.00
C LYS A 100 8.05 -7.45 -16.89
N ALA A 101 7.77 -8.13 -15.79
CA ALA A 101 6.48 -8.78 -15.63
C ALA A 101 5.36 -7.81 -15.29
N PHE A 102 5.68 -6.59 -14.90
CA PHE A 102 4.72 -5.68 -14.27
C PHE A 102 4.58 -4.36 -15.03
N THR A 103 5.08 -4.27 -16.24
CA THR A 103 4.96 -3.05 -17.00
C THR A 103 3.54 -2.88 -17.52
N PRO A 104 3.20 -1.68 -17.99
CA PRO A 104 1.89 -1.49 -18.63
C PRO A 104 1.65 -2.44 -19.80
N ARG A 105 2.67 -2.65 -20.63
CA ARG A 105 2.50 -3.59 -21.73
C ARG A 105 2.30 -5.02 -21.24
N ALA A 106 3.04 -5.42 -20.20
CA ALA A 106 2.94 -6.78 -19.71
C ALA A 106 1.55 -7.08 -19.16
N ILE A 107 0.88 -6.09 -18.56
CA ILE A 107 -0.38 -6.37 -17.87
C ILE A 107 -1.61 -6.03 -18.70
N GLN A 108 -1.44 -5.40 -19.86
CA GLN A 108 -2.60 -4.93 -20.62
C GLN A 108 -3.56 -6.06 -20.89
N HIS A 109 -3.04 -7.26 -21.15
CA HIS A 109 -3.88 -8.39 -21.53
C HIS A 109 -4.84 -8.79 -20.42
N LEU A 110 -4.56 -8.39 -19.18
CA LEU A 110 -5.41 -8.73 -18.05
C LEU A 110 -6.67 -7.87 -17.99
N GLU A 111 -6.76 -6.83 -18.80
CA GLU A 111 -7.87 -5.89 -18.68
C GLU A 111 -9.21 -6.61 -18.72
N GLY A 112 -9.43 -7.42 -19.77
CA GLY A 112 -10.72 -8.08 -19.91
C GLY A 112 -11.02 -9.01 -18.77
N HIS A 113 -9.99 -9.73 -18.30
CA HIS A 113 -10.19 -10.67 -17.21
C HIS A 113 -10.53 -9.94 -15.91
N ILE A 114 -9.90 -8.79 -15.65
CA ILE A 114 -10.21 -8.06 -14.44
C ILE A 114 -11.61 -7.46 -14.51
N GLU A 115 -12.02 -7.03 -15.70
CA GLU A 115 -13.40 -6.59 -15.88
C GLU A 115 -14.37 -7.71 -15.57
N GLU A 116 -14.02 -8.93 -15.96
CA GLU A 116 -14.87 -10.09 -15.68
C GLU A 116 -14.97 -10.35 -14.18
N ILE A 117 -13.84 -10.27 -13.46
CA ILE A 117 -13.87 -10.46 -12.01
C ILE A 117 -14.77 -9.42 -11.36
N ALA A 118 -14.60 -8.15 -11.77
CA ALA A 118 -15.42 -7.07 -11.21
C ALA A 118 -16.90 -7.29 -11.49
N ASP A 119 -17.24 -7.64 -12.73
CA ASP A 119 -18.64 -7.90 -13.05
C ASP A 119 -19.18 -9.04 -12.19
N TYR A 120 -18.37 -10.10 -12.00
CA TYR A 120 -18.81 -11.25 -11.21
C TYR A 120 -19.08 -10.83 -9.77
N LEU A 121 -18.20 -10.01 -9.20
CA LEU A 121 -18.35 -9.62 -7.79
C LEU A 121 -19.55 -8.72 -7.61
N LEU A 122 -19.81 -7.83 -8.58
CA LEU A 122 -20.95 -6.93 -8.47
C LEU A 122 -22.26 -7.65 -8.72
N ASP A 123 -22.24 -8.73 -9.51
CA ASP A 123 -23.44 -9.56 -9.66
C ASP A 123 -23.86 -10.19 -8.33
N GLU A 124 -22.89 -10.59 -7.51
CA GLU A 124 -23.19 -11.14 -6.20
C GLU A 124 -23.88 -10.15 -5.26
N VAL A 125 -24.00 -8.87 -5.65
CA VAL A 125 -24.63 -7.89 -4.76
C VAL A 125 -25.71 -7.09 -5.47
N SER A 126 -26.09 -7.53 -6.68
CA SER A 126 -27.04 -6.74 -7.47
C SER A 126 -28.35 -6.53 -6.72
N SER A 127 -28.95 -7.62 -6.24
CA SER A 127 -30.15 -7.55 -5.41
C SER A 127 -29.81 -7.69 -3.93
N LYS A 128 -28.74 -7.04 -3.49
CA LYS A 128 -28.52 -6.72 -2.09
C LYS A 128 -28.93 -5.28 -1.86
N GLU A 129 -29.43 -5.00 -0.66
CA GLU A 129 -29.86 -3.64 -0.34
C GLU A 129 -28.63 -2.74 -0.23
N LYS A 130 -27.83 -3.01 0.80
CA LYS A 130 -26.56 -2.38 0.98
C LYS A 130 -25.54 -3.50 1.06
N PHE A 131 -24.29 -3.14 0.95
CA PHE A 131 -23.23 -4.13 1.02
C PHE A 131 -21.94 -3.44 1.42
N ASP A 132 -21.02 -4.25 1.95
CA ASP A 132 -19.71 -3.79 2.38
C ASP A 132 -18.80 -3.81 1.16
N ILE A 133 -18.35 -2.64 0.72
CA ILE A 133 -17.50 -2.59 -0.47
C ILE A 133 -16.21 -3.35 -0.23
N VAL A 134 -15.77 -3.44 1.02
CA VAL A 134 -14.52 -4.14 1.32
C VAL A 134 -14.72 -5.65 1.16
N GLU A 135 -15.67 -6.22 1.90
CA GLU A 135 -15.80 -7.67 1.84
C GLU A 135 -16.26 -8.14 0.47
N ASP A 136 -17.13 -7.38 -0.20
CA ASP A 136 -17.82 -7.85 -1.39
C ASP A 136 -17.14 -7.45 -2.69
N PHE A 137 -16.16 -6.54 -2.68
CA PHE A 137 -15.62 -6.01 -3.95
C PHE A 137 -14.15 -5.61 -3.86
N ALA A 138 -13.85 -4.63 -3.01
CA ALA A 138 -12.49 -4.08 -2.94
C ALA A 138 -11.51 -5.09 -2.36
N GLY A 139 -11.97 -5.98 -1.47
CA GLY A 139 -11.10 -6.98 -0.90
C GLY A 139 -10.81 -8.13 -1.84
N PRO A 140 -11.86 -8.79 -2.33
CA PRO A 140 -11.63 -9.96 -3.19
C PRO A 140 -10.91 -9.67 -4.49
N LEU A 141 -11.27 -8.59 -5.18
CA LEU A 141 -10.75 -8.42 -6.54
C LEU A 141 -9.22 -8.41 -6.58
N PRO A 142 -8.51 -7.60 -5.79
CA PRO A 142 -7.04 -7.63 -5.88
C PRO A 142 -6.42 -8.93 -5.38
N ILE A 143 -7.08 -9.64 -4.47
CA ILE A 143 -6.54 -10.93 -4.03
C ILE A 143 -6.61 -11.94 -5.16
N ILE A 144 -7.74 -11.97 -5.88
CA ILE A 144 -7.87 -12.88 -7.01
C ILE A 144 -6.83 -12.58 -8.08
N VAL A 145 -6.62 -11.29 -8.38
CA VAL A 145 -5.68 -10.92 -9.42
C VAL A 145 -4.26 -11.33 -9.04
N ILE A 146 -3.84 -11.01 -7.80
CA ILE A 146 -2.46 -11.28 -7.43
C ILE A 146 -2.24 -12.79 -7.26
N ALA A 147 -3.24 -13.50 -6.76
CA ALA A 147 -3.12 -14.96 -6.72
C ALA A 147 -2.85 -15.53 -8.10
N GLU A 148 -3.58 -15.07 -9.12
CA GLU A 148 -3.41 -15.62 -10.45
C GLU A 148 -2.05 -15.25 -11.03
N LEU A 149 -1.59 -14.03 -10.78
CA LEU A 149 -0.26 -13.63 -11.25
C LEU A 149 0.83 -14.45 -10.57
N LEU A 150 0.71 -14.70 -9.27
CA LEU A 150 1.73 -15.50 -8.60
C LEU A 150 1.63 -16.96 -8.99
N GLY A 151 0.42 -17.42 -9.31
CA GLY A 151 0.19 -18.81 -9.61
C GLY A 151 -0.16 -19.63 -8.41
N VAL A 152 -0.69 -19.00 -7.37
CA VAL A 152 -0.98 -19.67 -6.10
C VAL A 152 -2.49 -19.77 -5.97
N PRO A 153 -3.03 -20.93 -5.63
CA PRO A 153 -4.47 -21.00 -5.36
C PRO A 153 -4.80 -20.18 -4.12
N ILE A 154 -5.79 -19.33 -4.26
CA ILE A 154 -6.38 -18.67 -3.11
C ILE A 154 -7.90 -18.68 -3.29
N GLN A 155 -8.52 -19.79 -2.93
CA GLN A 155 -9.96 -19.91 -3.00
C GLN A 155 -10.64 -19.45 -1.72
N ASP A 156 -9.93 -19.47 -0.60
CA ASP A 156 -10.43 -18.95 0.67
C ASP A 156 -9.84 -17.54 0.81
N ARG A 157 -10.51 -16.58 0.20
CA ARG A 157 -9.98 -15.23 0.20
C ARG A 157 -9.99 -14.60 1.58
N ALA A 158 -10.99 -14.93 2.41
CA ALA A 158 -11.06 -14.34 3.74
C ALA A 158 -9.87 -14.76 4.58
N LEU A 159 -9.46 -16.02 4.43
CA LEU A 159 -8.32 -16.55 5.19
C LEU A 159 -7.05 -15.79 4.83
N PHE A 160 -6.77 -15.67 3.54
CA PHE A 160 -5.55 -14.98 3.14
C PHE A 160 -5.61 -13.49 3.45
N LYS A 161 -6.80 -12.89 3.35
CA LYS A 161 -6.97 -11.48 3.72
C LYS A 161 -6.64 -11.28 5.20
N LYS A 162 -7.13 -12.17 6.06
CA LYS A 162 -6.87 -12.04 7.49
C LYS A 162 -5.38 -12.00 7.74
N TYR A 163 -4.63 -12.95 7.17
CA TYR A 163 -3.22 -13.07 7.50
C TYR A 163 -2.38 -12.05 6.75
N SER A 164 -2.77 -11.70 5.53
CA SER A 164 -2.13 -10.58 4.84
C SER A 164 -2.27 -9.29 5.64
N ASP A 165 -3.50 -8.97 6.08
CA ASP A 165 -3.72 -7.83 6.95
C ASP A 165 -2.84 -7.86 8.20
N ASP A 166 -2.63 -9.06 8.78
CA ASP A 166 -1.80 -9.14 9.98
C ASP A 166 -0.40 -8.61 9.70
N LEU A 167 0.09 -8.79 8.49
CA LEU A 167 1.47 -8.43 8.17
C LEU A 167 1.69 -6.94 7.96
N VAL A 168 0.63 -6.12 7.92
CA VAL A 168 0.79 -4.67 7.91
C VAL A 168 0.30 -4.04 9.20
N SER A 169 -0.15 -4.84 10.16
CA SER A 169 -0.71 -4.30 11.38
C SER A 169 0.38 -3.58 12.18
N GLY A 170 -0.02 -2.53 12.86
CA GLY A 170 0.86 -1.81 13.74
C GLY A 170 0.46 -1.93 15.20
N ALA A 171 1.17 -1.16 16.03
CA ALA A 171 0.90 -1.14 17.46
C ALA A 171 -0.14 -0.08 17.78
N GLU A 172 -0.93 -0.36 18.81
CA GLU A 172 -1.91 0.60 19.29
C GLU A 172 -1.26 1.87 19.79
N ASN A 173 -0.07 1.78 20.37
CA ASN A 173 0.67 2.91 20.92
C ASN A 173 2.13 2.47 21.07
N ASN A 174 2.93 3.26 21.78
CA ASN A 174 4.34 2.92 21.95
C ASN A 174 4.61 2.18 23.26
N SER A 175 3.59 1.57 23.86
CA SER A 175 3.77 0.77 25.06
C SER A 175 4.40 -0.59 24.71
N ASP A 176 5.08 -1.17 25.71
CA ASP A 176 5.65 -2.51 25.54
C ASP A 176 4.55 -3.52 25.21
N GLU A 177 3.42 -3.46 25.91
CA GLU A 177 2.34 -4.41 25.67
C GLU A 177 1.78 -4.27 24.26
N ALA A 178 1.59 -3.04 23.79
CA ALA A 178 1.07 -2.83 22.44
C ALA A 178 1.98 -3.45 21.40
N PHE A 179 3.29 -3.24 21.54
CA PHE A 179 4.22 -3.79 20.56
C PHE A 179 4.17 -5.31 20.57
N ALA A 180 4.06 -5.91 21.75
CA ALA A 180 4.02 -7.36 21.85
C ALA A 180 2.75 -7.93 21.22
N LYS A 181 1.61 -7.26 21.41
CA LYS A 181 0.39 -7.69 20.74
C LYS A 181 0.57 -7.62 19.22
N MET A 182 1.13 -6.52 18.72
CA MET A 182 1.34 -6.40 17.29
C MET A 182 2.25 -7.51 16.78
N MET A 183 3.34 -7.78 17.50
CA MET A 183 4.28 -8.79 17.02
C MET A 183 3.65 -10.19 17.04
N GLN A 184 2.73 -10.44 17.96
CA GLN A 184 2.01 -11.72 17.96
C GLN A 184 1.10 -11.83 16.74
N LYS A 185 0.39 -10.75 16.40
CA LYS A 185 -0.42 -10.76 15.19
C LYS A 185 0.44 -11.00 13.95
N ARG A 186 1.53 -10.23 13.82
CA ARG A 186 2.38 -10.39 12.64
C ARG A 186 2.96 -11.79 12.61
N ASN A 187 3.33 -12.34 13.77
CA ASN A 187 3.86 -13.70 13.79
C ASN A 187 2.84 -14.70 13.26
N GLU A 188 1.56 -14.51 13.59
CA GLU A 188 0.52 -15.42 13.10
C GLU A 188 0.45 -15.40 11.57
N GLY A 189 0.45 -14.20 10.99
CA GLY A 189 0.45 -14.10 9.54
C GLY A 189 1.67 -14.70 8.92
N VAL A 190 2.83 -14.58 9.59
CA VAL A 190 4.05 -15.19 9.06
C VAL A 190 3.94 -16.70 9.09
N ILE A 191 3.42 -17.27 10.18
CA ILE A 191 3.34 -18.72 10.28
C ILE A 191 2.50 -19.27 9.13
N PHE A 192 1.32 -18.66 8.90
CA PHE A 192 0.47 -19.23 7.87
C PHE A 192 1.03 -18.95 6.48
N LEU A 193 1.33 -17.67 6.18
CA LEU A 193 1.68 -17.33 4.81
C LEU A 193 3.02 -17.92 4.41
N GLN A 194 4.00 -17.89 5.30
CA GLN A 194 5.27 -18.51 4.99
C GLN A 194 5.12 -20.01 4.82
N GLY A 195 4.36 -20.65 5.70
CA GLY A 195 4.12 -22.08 5.54
C GLY A 195 3.44 -22.38 4.22
N TYR A 196 2.40 -21.60 3.90
CA TYR A 196 1.65 -21.84 2.68
C TYR A 196 2.55 -21.73 1.45
N PHE A 197 3.33 -20.66 1.37
CA PHE A 197 4.19 -20.48 0.20
C PHE A 197 5.35 -21.46 0.20
N LYS A 198 5.81 -21.90 1.36
CA LYS A 198 6.79 -22.97 1.36
C LYS A 198 6.23 -24.21 0.68
N GLU A 199 4.98 -24.56 0.99
CA GLU A 199 4.37 -25.73 0.35
C GLU A 199 4.23 -25.52 -1.16
N ILE A 200 3.76 -24.35 -1.57
CA ILE A 200 3.59 -24.09 -3.00
C ILE A 200 4.93 -24.14 -3.71
N ILE A 201 5.95 -23.53 -3.09
CA ILE A 201 7.30 -23.58 -3.67
C ILE A 201 7.76 -25.02 -3.85
N ALA A 202 7.54 -25.86 -2.83
CA ALA A 202 7.93 -27.25 -2.95
C ALA A 202 7.19 -27.92 -4.10
N GLU A 203 5.90 -27.59 -4.26
CA GLU A 203 5.14 -28.16 -5.36
C GLU A 203 5.69 -27.71 -6.71
N ARG A 204 6.03 -26.42 -6.82
CA ARG A 204 6.56 -25.94 -8.10
C ARG A 204 7.96 -26.48 -8.35
N GLN A 205 8.76 -26.69 -7.29
CA GLN A 205 10.08 -27.30 -7.47
C GLN A 205 9.93 -28.68 -8.09
N GLN A 206 8.92 -29.45 -7.67
CA GLN A 206 8.68 -30.77 -8.20
C GLN A 206 8.07 -30.74 -9.59
N ASN A 207 7.24 -29.74 -9.89
CA ASN A 207 6.57 -29.66 -11.19
C ASN A 207 6.35 -28.19 -11.50
N LYS A 208 7.17 -27.64 -12.40
CA LYS A 208 7.04 -26.24 -12.75
C LYS A 208 5.74 -25.98 -13.49
N GLN A 209 5.20 -24.79 -13.32
CA GLN A 209 4.04 -24.33 -14.05
C GLN A 209 4.43 -23.06 -14.81
N GLU A 210 3.49 -22.55 -15.60
CA GLU A 210 3.66 -21.24 -16.24
C GLU A 210 3.15 -20.17 -15.28
N ASP A 211 3.98 -19.83 -14.29
CA ASP A 211 3.61 -18.82 -13.32
C ASP A 211 4.88 -18.21 -12.72
N LEU A 212 4.67 -17.13 -11.99
CA LEU A 212 5.78 -16.34 -11.45
C LEU A 212 6.60 -17.14 -10.47
N ILE A 213 5.95 -17.91 -9.59
CA ILE A 213 6.73 -18.69 -8.64
C ILE A 213 7.69 -19.60 -9.37
N SER A 214 7.22 -20.27 -10.44
CA SER A 214 8.10 -21.16 -11.18
C SER A 214 9.25 -20.39 -11.83
N LEU A 215 8.98 -19.20 -12.37
CA LEU A 215 10.06 -18.39 -12.95
C LEU A 215 11.14 -18.07 -11.91
N LEU A 216 10.71 -17.72 -10.69
CA LEU A 216 11.67 -17.40 -9.64
C LEU A 216 12.52 -18.60 -9.27
N LEU A 217 11.95 -19.81 -9.37
CA LEU A 217 12.73 -21.01 -9.13
C LEU A 217 13.67 -21.36 -10.27
N GLU A 218 13.44 -20.82 -11.46
CA GLU A 218 14.24 -21.10 -12.63
C GLU A 218 15.33 -20.07 -12.88
N ALA A 219 15.08 -18.84 -12.47
CA ALA A 219 16.02 -17.75 -12.72
C ALA A 219 17.31 -17.94 -11.96
N GLU A 220 18.39 -17.41 -12.51
CA GLU A 220 19.69 -17.44 -11.86
C GLU A 220 20.23 -16.03 -11.69
N ILE A 221 20.82 -15.78 -10.53
CA ILE A 221 21.54 -14.54 -10.25
C ILE A 221 22.98 -14.95 -9.91
N ASP A 222 23.94 -14.35 -10.59
CA ASP A 222 25.34 -14.67 -10.34
C ASP A 222 25.58 -16.17 -10.44
N GLY A 223 24.97 -16.80 -11.44
CA GLY A 223 25.18 -18.21 -11.68
C GLY A 223 24.58 -19.15 -10.65
N GLU A 224 23.78 -18.66 -9.71
CA GLU A 224 23.14 -19.52 -8.74
C GLU A 224 21.65 -19.20 -8.65
N HIS A 225 20.88 -20.23 -8.32
CA HIS A 225 19.45 -20.08 -8.14
C HIS A 225 19.17 -19.23 -6.91
N LEU A 226 17.95 -18.71 -6.82
CA LEU A 226 17.52 -17.99 -5.63
C LEU A 226 17.46 -18.93 -4.45
N THR A 227 17.85 -18.44 -3.28
CA THR A 227 17.62 -19.19 -2.05
C THR A 227 16.12 -19.29 -1.78
N GLU A 228 15.72 -20.30 -1.01
CA GLU A 228 14.31 -20.43 -0.68
C GLU A 228 13.80 -19.17 -0.01
N GLU A 229 14.61 -18.58 0.88
CA GLU A 229 14.21 -17.35 1.55
C GLU A 229 13.94 -16.25 0.55
N GLU A 230 14.72 -16.20 -0.53
CA GLU A 230 14.53 -15.13 -1.52
C GLU A 230 13.23 -15.31 -2.28
N VAL A 231 12.91 -16.56 -2.67
CA VAL A 231 11.65 -16.79 -3.39
C VAL A 231 10.48 -16.46 -2.46
N LEU A 232 10.57 -16.93 -1.20
CA LEU A 232 9.51 -16.63 -0.24
C LEU A 232 9.31 -15.13 -0.07
N GLY A 233 10.41 -14.37 -0.02
CA GLY A 233 10.27 -12.94 0.13
C GLY A 233 9.47 -12.32 -0.99
N PHE A 234 9.71 -12.78 -2.22
CA PHE A 234 8.94 -12.29 -3.36
C PHE A 234 7.48 -12.64 -3.22
N CYS A 235 7.19 -13.92 -2.90
CA CYS A 235 5.81 -14.36 -2.79
C CYS A 235 5.05 -13.51 -1.78
N ILE A 236 5.59 -13.37 -0.57
CA ILE A 236 4.83 -12.71 0.48
C ILE A 236 4.75 -11.22 0.22
N LEU A 237 5.85 -10.60 -0.25
CA LEU A 237 5.79 -9.19 -0.57
C LEU A 237 4.75 -8.93 -1.67
N LEU A 238 4.81 -9.70 -2.76
CA LEU A 238 3.87 -9.47 -3.86
C LEU A 238 2.44 -9.70 -3.41
N LEU A 239 2.20 -10.74 -2.60
CA LEU A 239 0.85 -10.99 -2.13
C LEU A 239 0.32 -9.82 -1.30
N VAL A 240 1.10 -9.40 -0.30
CA VAL A 240 0.62 -8.40 0.64
C VAL A 240 0.52 -7.04 -0.03
N ALA A 241 1.59 -6.61 -0.71
CA ALA A 241 1.55 -5.34 -1.43
C ALA A 241 0.49 -5.38 -2.53
N GLY A 242 0.32 -6.54 -3.16
CA GLY A 242 -0.62 -6.63 -4.25
C GLY A 242 -2.07 -6.54 -3.84
N ASN A 243 -2.40 -6.87 -2.59
CA ASN A 243 -3.81 -6.82 -2.23
C ASN A 243 -4.16 -5.80 -1.16
N GLU A 244 -3.32 -5.62 -0.13
CA GLU A 244 -3.73 -4.77 0.99
C GLU A 244 -3.89 -3.31 0.56
N THR A 245 -2.95 -2.84 -0.24
CA THR A 245 -2.97 -1.45 -0.70
C THR A 245 -4.09 -1.22 -1.70
N THR A 246 -4.20 -2.09 -2.69
CA THR A 246 -5.18 -1.91 -3.74
C THR A 246 -6.58 -1.93 -3.16
N THR A 247 -6.84 -2.82 -2.18
CA THR A 247 -8.15 -2.80 -1.53
C THR A 247 -8.44 -1.43 -0.93
N ASN A 248 -7.42 -0.79 -0.34
CA ASN A 248 -7.65 0.53 0.22
C ASN A 248 -7.80 1.59 -0.86
N LEU A 249 -7.10 1.46 -1.99
CA LEU A 249 -7.31 2.39 -3.10
C LEU A 249 -8.78 2.39 -3.50
N ILE A 250 -9.33 1.20 -3.72
CA ILE A 250 -10.71 1.10 -4.17
C ILE A 250 -11.67 1.60 -3.10
N THR A 251 -11.49 1.12 -1.87
CA THR A 251 -12.38 1.53 -0.79
C THR A 251 -12.28 3.03 -0.55
N ASN A 252 -11.06 3.58 -0.56
CA ASN A 252 -10.90 5.00 -0.30
C ASN A 252 -11.52 5.84 -1.40
N GLY A 253 -11.46 5.38 -2.65
CA GLY A 253 -12.12 6.08 -3.72
C GLY A 253 -13.63 6.04 -3.57
N VAL A 254 -14.16 4.89 -3.21
CA VAL A 254 -15.60 4.81 -2.97
C VAL A 254 -15.99 5.69 -1.79
N ARG A 255 -15.14 5.72 -0.76
CA ARG A 255 -15.39 6.61 0.37
C ARG A 255 -15.48 8.05 -0.09
N TYR A 256 -14.45 8.53 -0.82
CA TYR A 256 -14.48 9.92 -1.23
C TYR A 256 -15.71 10.18 -2.10
N MET A 257 -16.02 9.26 -3.02
CA MET A 257 -17.11 9.47 -3.95
C MET A 257 -18.48 9.46 -3.26
N THR A 258 -18.58 8.92 -2.05
CA THR A 258 -19.82 9.03 -1.30
C THR A 258 -19.79 10.15 -0.27
N GLU A 259 -18.62 10.69 0.05
CA GLU A 259 -18.52 11.90 0.87
C GLU A 259 -18.72 13.15 0.01
N ASP A 260 -18.42 13.05 -1.27
CA ASP A 260 -18.50 14.18 -2.21
C ASP A 260 -19.12 13.62 -3.49
N VAL A 261 -20.46 13.63 -3.53
CA VAL A 261 -21.17 13.04 -4.65
C VAL A 261 -20.97 13.86 -5.93
N ASP A 262 -20.60 15.13 -5.82
CA ASP A 262 -20.28 15.93 -7.01
C ASP A 262 -19.22 15.24 -7.87
N VAL A 263 -18.18 14.68 -7.23
CA VAL A 263 -17.14 13.98 -7.96
C VAL A 263 -17.69 12.70 -8.54
N GLN A 264 -18.44 11.94 -7.75
CA GLN A 264 -19.00 10.69 -8.25
C GLN A 264 -19.81 10.95 -9.51
N ASN A 265 -20.67 11.97 -9.49
CA ASN A 265 -21.55 12.24 -10.63
C ASN A 265 -20.75 12.70 -11.84
N GLU A 266 -19.75 13.56 -11.63
CA GLU A 266 -18.98 14.06 -12.77
C GLU A 266 -18.25 12.92 -13.48
N VAL A 267 -17.63 12.01 -12.71
CA VAL A 267 -16.86 10.94 -13.33
C VAL A 267 -17.79 9.93 -13.97
N ARG A 268 -18.94 9.65 -13.34
CA ARG A 268 -19.90 8.76 -13.97
C ARG A 268 -20.34 9.29 -15.33
N ARG A 269 -20.49 10.62 -15.44
CA ARG A 269 -20.97 11.27 -16.65
C ARG A 269 -19.86 11.57 -17.64
N ASP A 270 -18.59 11.41 -17.25
CA ASP A 270 -17.44 11.53 -18.16
C ASP A 270 -16.43 10.48 -17.70
N ILE A 271 -16.65 9.24 -18.14
CA ILE A 271 -15.86 8.12 -17.64
C ILE A 271 -14.40 8.22 -18.05
N SER A 272 -14.06 9.06 -19.04
CA SER A 272 -12.64 9.26 -19.35
C SER A 272 -11.88 9.88 -18.18
N LEU A 273 -12.59 10.39 -17.17
CA LEU A 273 -11.95 10.94 -15.99
C LEU A 273 -11.51 9.87 -14.98
N VAL A 274 -11.82 8.59 -15.20
CA VAL A 274 -11.51 7.59 -14.16
C VAL A 274 -10.02 7.52 -13.88
N PRO A 275 -9.12 7.54 -14.87
CA PRO A 275 -7.68 7.52 -14.50
C PRO A 275 -7.30 8.69 -13.61
N ASN A 276 -7.83 9.90 -13.88
CA ASN A 276 -7.57 11.02 -13.00
C ASN A 276 -8.09 10.77 -11.58
N LEU A 277 -9.28 10.18 -11.47
CA LEU A 277 -9.85 9.82 -10.18
C LEU A 277 -8.95 8.86 -9.42
N VAL A 278 -8.42 7.86 -10.11
CA VAL A 278 -7.47 6.93 -9.49
C VAL A 278 -6.28 7.69 -8.91
N GLU A 279 -5.68 8.56 -9.72
CA GLU A 279 -4.50 9.27 -9.23
C GLU A 279 -4.85 10.19 -8.08
N GLU A 280 -6.03 10.84 -8.14
CA GLU A 280 -6.38 11.78 -7.09
C GLU A 280 -6.80 11.07 -5.82
N THR A 281 -7.35 9.84 -5.92
CA THR A 281 -7.56 9.03 -4.72
C THR A 281 -6.22 8.67 -4.09
N LEU A 282 -5.25 8.28 -4.91
CA LEU A 282 -3.93 7.97 -4.38
C LEU A 282 -3.32 9.19 -3.68
N ARG A 283 -3.49 10.38 -4.25
CA ARG A 283 -2.89 11.57 -3.66
C ARG A 283 -3.59 11.96 -2.37
N TYR A 284 -4.92 11.93 -2.39
CA TYR A 284 -5.74 12.49 -1.32
C TYR A 284 -5.99 11.52 -0.18
N TYR A 285 -6.21 10.25 -0.49
CA TYR A 285 -6.43 9.20 0.49
C TYR A 285 -5.40 8.08 0.24
N PRO A 286 -4.12 8.37 0.41
CA PRO A 286 -3.07 7.41 0.01
C PRO A 286 -3.14 6.14 0.83
N PRO A 287 -3.21 4.98 0.18
CA PRO A 287 -3.21 3.72 0.97
C PRO A 287 -2.01 3.56 1.87
N ILE A 288 -0.84 4.02 1.42
CA ILE A 288 0.37 4.02 2.24
C ILE A 288 0.65 5.46 2.62
N GLN A 289 0.64 5.75 3.93
CA GLN A 289 0.80 7.12 4.39
C GLN A 289 2.26 7.52 4.57
N ALA A 290 3.11 6.54 4.90
CA ALA A 290 4.47 6.81 5.35
C ALA A 290 5.38 5.68 4.91
N ILE A 291 6.61 6.04 4.52
CA ILE A 291 7.62 5.13 4.02
C ILE A 291 8.86 5.30 4.87
N GLY A 292 9.36 4.19 5.42
CA GLY A 292 10.50 4.25 6.32
C GLY A 292 11.83 4.08 5.63
N ARG A 293 12.86 4.66 6.22
CA ARG A 293 14.24 4.48 5.81
C ARG A 293 15.11 4.50 7.05
N ILE A 294 16.37 4.06 6.89
CA ILE A 294 17.40 4.20 7.91
C ILE A 294 18.54 5.03 7.32
N ALA A 295 18.95 6.07 8.04
CA ALA A 295 20.08 6.88 7.60
C ALA A 295 21.32 6.02 7.49
N ALA A 296 21.92 5.98 6.30
CA ALA A 296 23.12 5.17 6.06
C ALA A 296 24.38 5.89 6.53
N GLU A 297 24.31 7.20 6.67
CA GLU A 297 25.42 8.00 7.17
C GLU A 297 24.82 9.26 7.77
N ASP A 298 25.67 10.09 8.37
CA ASP A 298 25.18 11.37 8.86
C ASP A 298 24.74 12.23 7.69
N VAL A 299 23.59 12.89 7.85
CA VAL A 299 23.02 13.71 6.79
C VAL A 299 22.38 14.93 7.42
N GLU A 300 22.72 16.10 6.90
CA GLU A 300 22.09 17.35 7.31
C GLU A 300 20.95 17.64 6.35
N LEU A 301 19.73 17.64 6.86
CA LEU A 301 18.54 18.06 6.11
C LEU A 301 18.15 19.41 6.69
N GLY A 302 18.57 20.49 6.02
CA GLY A 302 18.45 21.80 6.63
C GLY A 302 19.36 21.87 7.84
N GLU A 303 18.82 22.33 8.96
CA GLU A 303 19.59 22.39 10.19
C GLU A 303 19.54 21.08 10.96
N CYS A 304 18.59 20.20 10.64
CA CYS A 304 18.46 18.93 11.36
C CYS A 304 19.61 18.00 11.02
N LYS A 305 20.29 17.49 12.04
CA LYS A 305 21.45 16.63 11.87
C LYS A 305 21.00 15.20 12.12
N ILE A 306 20.82 14.45 11.04
CA ILE A 306 20.40 13.04 11.10
C ILE A 306 21.67 12.20 11.19
N LYS A 307 21.68 11.27 12.14
CA LYS A 307 22.87 10.47 12.41
C LYS A 307 22.72 9.08 11.82
N ARG A 308 23.82 8.56 11.28
CA ARG A 308 23.94 7.17 10.84
C ARG A 308 23.10 6.29 11.73
N GLY A 309 22.20 5.51 11.15
CA GLY A 309 21.47 4.49 11.88
C GLY A 309 20.15 4.93 12.47
N GLN A 310 19.82 6.21 12.38
CA GLN A 310 18.54 6.66 12.91
C GLN A 310 17.43 6.43 11.90
N GLN A 311 16.22 6.24 12.41
CA GLN A 311 15.06 5.99 11.56
C GLN A 311 14.53 7.30 11.02
N VAL A 312 14.11 7.27 9.75
CA VAL A 312 13.61 8.43 9.04
C VAL A 312 12.29 8.00 8.39
N ILE A 313 11.19 8.58 8.84
CA ILE A 313 9.86 8.26 8.34
C ILE A 313 9.38 9.40 7.44
N SER A 314 9.15 9.09 6.17
CA SER A 314 8.74 10.06 5.18
C SER A 314 7.23 9.95 4.96
N TRP A 315 6.52 11.05 5.19
CA TRP A 315 5.06 11.07 5.18
C TRP A 315 4.56 11.46 3.80
N ALA A 316 4.32 10.43 2.98
CA ALA A 316 3.66 10.62 1.70
C ALA A 316 2.33 11.34 1.85
N ALA A 317 1.59 11.04 2.92
CA ALA A 317 0.29 11.66 3.09
C ALA A 317 0.42 13.17 3.24
N SER A 318 1.51 13.62 3.88
CA SER A 318 1.78 15.05 4.02
C SER A 318 2.39 15.63 2.75
N ALA A 319 3.34 14.92 2.15
CA ALA A 319 3.98 15.42 0.94
C ALA A 319 2.96 15.67 -0.16
N ASN A 320 1.96 14.79 -0.23
CA ASN A 320 0.93 14.85 -1.26
C ASN A 320 0.02 16.06 -1.12
N ARG A 321 0.07 16.73 0.03
CA ARG A 321 -0.71 17.95 0.24
C ARG A 321 0.18 19.17 0.49
N ASP A 322 1.45 19.09 0.15
CA ASP A 322 2.39 20.20 0.33
C ASP A 322 2.06 21.28 -0.68
N SER A 323 1.62 22.45 -0.21
CA SER A 323 1.17 23.47 -1.15
C SER A 323 2.31 24.04 -1.97
N ALA A 324 3.56 23.81 -1.56
CA ALA A 324 4.69 24.19 -2.40
C ALA A 324 4.71 23.38 -3.69
N LYS A 325 4.11 22.21 -3.69
CA LYS A 325 4.12 21.34 -4.85
C LYS A 325 2.77 21.25 -5.53
N PHE A 326 1.67 21.26 -4.79
CA PHE A 326 0.37 20.96 -5.34
C PHE A 326 -0.55 22.16 -5.24
N GLU A 327 -1.19 22.51 -6.37
CA GLU A 327 -2.31 23.44 -6.29
C GLU A 327 -3.49 22.76 -5.62
N TRP A 328 -4.27 23.55 -4.88
CA TRP A 328 -5.46 23.05 -4.20
C TRP A 328 -5.16 21.73 -3.47
N PRO A 329 -4.21 21.76 -2.53
CA PRO A 329 -3.70 20.49 -1.95
C PRO A 329 -4.72 19.75 -1.11
N ASP A 330 -5.71 20.43 -0.54
CA ASP A 330 -6.69 19.78 0.32
C ASP A 330 -8.05 19.67 -0.36
N THR A 331 -8.05 19.73 -1.69
CA THR A 331 -9.25 19.64 -2.50
C THR A 331 -9.10 18.49 -3.47
N PHE A 332 -10.18 17.74 -3.66
CA PHE A 332 -10.18 16.55 -4.51
C PHE A 332 -10.54 16.99 -5.92
N VAL A 333 -9.56 17.00 -6.81
CA VAL A 333 -9.71 17.59 -8.15
C VAL A 333 -9.45 16.49 -9.17
N VAL A 334 -10.44 16.20 -10.02
CA VAL A 334 -10.31 15.14 -11.01
C VAL A 334 -9.90 15.69 -12.38
N HIS A 335 -9.48 16.95 -12.45
CA HIS A 335 -9.04 17.54 -13.70
C HIS A 335 -7.59 18.02 -13.64
N ARG A 336 -6.79 17.48 -12.73
CA ARG A 336 -5.40 17.90 -12.62
C ARG A 336 -4.62 17.52 -13.87
N LYS A 337 -3.82 18.45 -14.38
CA LYS A 337 -3.04 18.13 -15.57
C LYS A 337 -1.85 17.24 -15.21
N THR A 338 -1.19 17.48 -14.08
CA THR A 338 -0.21 16.54 -13.55
C THR A 338 -0.58 16.24 -12.10
N ASN A 339 -0.09 15.11 -11.62
CA ASN A 339 -0.36 14.68 -10.24
C ASN A 339 0.84 13.90 -9.73
N PRO A 340 1.92 14.62 -9.35
CA PRO A 340 3.19 13.97 -8.97
C PRO A 340 3.22 13.52 -7.50
N HIS A 341 2.17 12.80 -7.08
CA HIS A 341 2.12 12.31 -5.73
C HIS A 341 3.23 11.27 -5.52
N VAL A 342 3.49 10.97 -4.26
CA VAL A 342 4.51 9.98 -3.90
C VAL A 342 3.85 8.77 -3.26
N SER A 343 2.61 8.50 -3.63
CA SER A 343 1.86 7.39 -3.04
C SER A 343 2.39 6.03 -3.45
N PHE A 344 3.12 5.97 -4.57
CA PHE A 344 3.84 4.78 -4.98
C PHE A 344 5.34 4.89 -4.66
N GLY A 345 5.74 5.90 -3.90
CA GLY A 345 7.15 6.10 -3.64
C GLY A 345 7.81 6.87 -4.77
N PHE A 346 9.14 6.72 -4.85
CA PHE A 346 9.90 7.44 -5.86
C PHE A 346 11.28 6.84 -5.94
N GLY A 347 11.79 6.67 -7.15
CA GLY A 347 13.16 6.19 -7.30
C GLY A 347 13.25 4.69 -7.43
N ILE A 348 14.30 4.07 -6.89
CA ILE A 348 14.59 2.69 -7.27
C ILE A 348 13.59 1.70 -6.68
N HIS A 349 12.90 2.04 -5.59
CA HIS A 349 11.90 1.17 -5.00
C HIS A 349 10.49 1.53 -5.45
N PHE A 350 10.36 2.46 -6.40
CA PHE A 350 9.06 2.87 -6.88
C PHE A 350 8.20 1.64 -7.14
N CYS A 351 6.95 1.71 -6.72
CA CYS A 351 6.06 0.55 -6.69
C CYS A 351 6.10 -0.26 -7.99
N LEU A 352 6.50 -1.52 -7.85
CA LEU A 352 6.52 -2.43 -8.97
C LEU A 352 5.13 -2.67 -9.53
N GLY A 353 4.12 -2.59 -8.68
CA GLY A 353 2.77 -2.88 -9.07
C GLY A 353 1.97 -1.69 -9.54
N ALA A 354 2.58 -0.52 -9.74
CA ALA A 354 1.78 0.66 -10.02
C ALA A 354 0.91 0.48 -11.26
N PRO A 355 1.41 -0.04 -12.38
CA PRO A 355 0.51 -0.23 -13.55
C PRO A 355 -0.66 -1.14 -13.23
N LEU A 356 -0.42 -2.20 -12.44
CA LEU A 356 -1.48 -3.13 -12.10
C LEU A 356 -2.48 -2.49 -11.14
N ALA A 357 -2.00 -1.78 -10.13
CA ALA A 357 -2.90 -1.11 -9.21
C ALA A 357 -3.76 -0.09 -9.96
N ARG A 358 -3.16 0.63 -10.91
CA ARG A 358 -3.92 1.64 -11.66
C ARG A 358 -4.98 0.98 -12.52
N MET A 359 -4.65 -0.17 -13.12
CA MET A 359 -5.64 -0.89 -13.93
C MET A 359 -6.76 -1.39 -13.04
N GLU A 360 -6.43 -2.04 -11.91
CA GLU A 360 -7.47 -2.53 -11.02
C GLU A 360 -8.36 -1.40 -10.52
N GLY A 361 -7.75 -0.30 -10.09
CA GLY A 361 -8.54 0.84 -9.65
C GLY A 361 -9.42 1.39 -10.76
N LYS A 362 -8.87 1.52 -11.96
CA LYS A 362 -9.66 2.05 -13.07
C LYS A 362 -10.86 1.16 -13.34
N ILE A 363 -10.64 -0.15 -13.38
CA ILE A 363 -11.73 -1.07 -13.67
C ILE A 363 -12.72 -1.10 -12.53
N ALA A 364 -12.22 -1.14 -11.29
CA ALA A 364 -13.14 -1.19 -10.16
C ALA A 364 -14.07 0.02 -10.16
N PHE A 365 -13.49 1.21 -10.31
CA PHE A 365 -14.30 2.43 -10.26
C PHE A 365 -15.25 2.50 -11.44
N THR A 366 -14.79 2.11 -12.62
CA THR A 366 -15.62 2.16 -13.81
C THR A 366 -16.85 1.27 -13.64
N LYS A 367 -16.63 0.03 -13.19
CA LYS A 367 -17.75 -0.90 -13.03
C LYS A 367 -18.75 -0.39 -11.99
N LEU A 368 -18.27 0.18 -10.89
CA LEU A 368 -19.19 0.70 -9.89
C LEU A 368 -19.97 1.88 -10.44
N LEU A 369 -19.27 2.79 -11.14
CA LEU A 369 -19.94 3.96 -11.67
C LEU A 369 -20.98 3.57 -12.71
N GLU A 370 -20.66 2.60 -13.57
CA GLU A 370 -21.58 2.21 -14.63
C GLU A 370 -22.78 1.44 -14.09
N LYS A 371 -22.69 0.92 -12.87
CA LYS A 371 -23.87 0.31 -12.26
C LYS A 371 -24.87 1.37 -11.81
N GLY A 372 -24.44 2.61 -11.62
CA GLY A 372 -25.33 3.70 -11.28
C GLY A 372 -24.89 4.41 -10.02
N GLY A 373 -25.67 5.44 -9.66
CA GLY A 373 -25.35 6.21 -8.48
C GLY A 373 -25.39 5.37 -7.21
N PHE A 374 -24.49 5.69 -6.28
CA PHE A 374 -24.43 4.97 -5.02
C PHE A 374 -24.15 5.94 -3.88
N SER A 375 -24.58 5.54 -2.68
CA SER A 375 -24.51 6.39 -1.49
C SER A 375 -23.92 5.59 -0.34
N LYS A 376 -23.31 6.30 0.60
CA LYS A 376 -22.85 5.65 1.82
C LYS A 376 -24.04 5.43 2.75
N VAL A 377 -24.06 4.28 3.39
CA VAL A 377 -25.03 4.04 4.46
C VAL A 377 -24.72 4.99 5.59
N GLN A 378 -25.69 5.81 5.99
CA GLN A 378 -25.39 6.74 7.08
C GLN A 378 -25.51 6.01 8.42
N ASN A 379 -24.86 6.58 9.43
CA ASN A 379 -24.84 5.99 10.76
C ASN A 379 -24.10 4.65 10.77
N GLN A 380 -22.94 4.61 10.10
CA GLN A 380 -21.96 3.56 10.38
C GLN A 380 -20.84 4.20 11.19
N SER A 381 -20.22 3.39 12.03
CA SER A 381 -19.07 3.80 12.83
C SER A 381 -17.84 3.20 12.15
N LEU A 382 -17.19 4.00 11.33
CA LEU A 382 -16.06 3.48 10.56
C LEU A 382 -14.93 3.07 11.49
N LYS A 383 -14.21 2.04 11.08
CA LYS A 383 -13.13 1.46 11.87
C LYS A 383 -11.84 1.60 11.08
N PRO A 384 -10.90 2.44 11.48
CA PRO A 384 -9.64 2.53 10.74
C PRO A 384 -8.84 1.25 10.86
N ILE A 385 -8.14 0.91 9.77
CA ILE A 385 -7.17 -0.18 9.84
C ILE A 385 -6.13 0.16 10.88
N ASP A 386 -5.80 -0.82 11.72
CA ASP A 386 -4.94 -0.53 12.88
C ASP A 386 -3.47 -0.66 12.46
N SER A 387 -3.04 0.30 11.70
CA SER A 387 -1.61 0.45 11.35
C SER A 387 -1.43 1.91 11.01
N PRO A 388 -0.43 2.59 11.59
CA PRO A 388 -0.29 4.03 11.34
C PRO A 388 0.28 4.37 9.98
N PHE A 389 0.87 3.43 9.24
CA PHE A 389 1.40 3.75 7.91
C PHE A 389 0.43 3.40 6.81
N VAL A 390 -0.72 2.81 7.17
CA VAL A 390 -1.80 2.49 6.26
C VAL A 390 -2.92 3.49 6.47
N PHE A 391 -3.60 3.85 5.37
CA PHE A 391 -4.82 4.63 5.45
C PHE A 391 -5.98 3.88 4.80
N GLY A 392 -6.90 3.38 5.61
CA GLY A 392 -8.08 2.72 5.06
C GLY A 392 -8.98 2.33 6.20
N VAL A 393 -10.15 1.83 5.83
CA VAL A 393 -11.14 1.39 6.82
C VAL A 393 -11.37 -0.11 6.65
N LYS A 394 -11.80 -0.75 7.75
CA LYS A 394 -11.99 -2.20 7.70
C LYS A 394 -13.25 -2.57 6.94
N LYS A 395 -14.21 -1.67 6.86
CA LYS A 395 -15.53 -1.93 6.32
C LYS A 395 -16.11 -0.61 5.86
N TYR A 396 -16.86 -0.63 4.77
CA TYR A 396 -17.46 0.59 4.26
C TYR A 396 -18.72 0.20 3.48
N GLU A 397 -19.88 0.49 4.05
CA GLU A 397 -21.14 0.03 3.48
C GLU A 397 -21.74 1.10 2.58
N ILE A 398 -22.17 0.69 1.39
CA ILE A 398 -22.84 1.56 0.44
C ILE A 398 -24.09 0.87 -0.08
N ALA A 399 -24.89 1.63 -0.81
CA ALA A 399 -26.07 1.08 -1.48
C ALA A 399 -26.27 1.83 -2.79
N PHE A 400 -26.65 1.10 -3.83
CA PHE A 400 -27.03 1.74 -5.09
C PHE A 400 -28.40 2.38 -4.94
N ASN A 401 -28.55 3.56 -5.54
CA ASN A 401 -29.71 4.40 -5.33
C ASN A 401 -31.00 3.84 -5.93
#